data_8TUD
#
_entry.id   8TUD
#
_cell.length_a   50.014
_cell.length_b   79.685
_cell.length_c   139.308
_cell.angle_alpha   90.000
_cell.angle_beta   90.000
_cell.angle_gamma   90.000
#
_symmetry.space_group_name_H-M   'P 21 21 21'
#
loop_
_entity.id
_entity.type
_entity.pdbx_description
1 polymer 'Immunoglobulin gamma-1 heavy chain'
2 polymer 'Immunoglobulin gamma-1 heavy chain'
3 branched 2-acetamido-2-deoxy-beta-D-glucopyranose-(1-2)-alpha-D-mannopyranose-(1-3)-[2-acetamido-2-deoxy-beta-D-glucopyranose-(1-2)-alpha-D-mannopyranose-(1-6)]beta-D-mannopyranose-(1-4)-2-acetamido-2-deoxy-beta-D-glucopyranose-(1-4)-[alpha-L-fucopyranose-(1-6)]2-acetamido-2-deoxy-beta-D-glucopyranose
4 water water
#
loop_
_entity_poly.entity_id
_entity_poly.type
_entity_poly.pdbx_seq_one_letter_code
_entity_poly.pdbx_strand_id
1 'polypeptide(L)'
;EPKSCDKTHTCPPCPAPELLGGPSVFLFPPKPKDTLMISRTPEVTCVVVDVSHEDPEVKFNWYVDGVEVHNAKTKPREEQ
YNSTYRVVSVLTVLHQDWLNGKEYKCKVSNKALPAPIEKTISKAKGQPREPQVYTLPPSRDELTKNQVSLTCLVKGFYPS
DIAVEWESNGQPENNYKTTPPVLYSDGSFFLYSKLTVDKSRWQQGNVFSCSVMHEALHNHYTQKSLSLSPGS
;
A
2 'polypeptide(L)'
;EPKSCDKTHTCPPCPAPELLGGPSVFLFPPKPKDTLMISRTPEVTCVVVDVSHEDPEVKFNWYVDGVEVHNAKTKPREEQ
YNSTYRVVSVLTVLHQDWLNGKEYKCKVSNKALPAPIEKTISKAKGQPREPQVYTLPPSRDELTKNQVSLTCLVKGFYPS
DIAVEWESNGQPENNYKTTPPVLDSDGSFFLYSSLYVDKSRWQQGNVFSCSVMHEALHNHYTQKSLSLSPGK
;
B
#
loop_
_chem_comp.id
_chem_comp.type
_chem_comp.name
_chem_comp.formula
BMA D-saccharide, beta linking beta-D-mannopyranose 'C6 H12 O6'
FUC L-saccharide, alpha linking alpha-L-fucopyranose 'C6 H12 O5'
MAN D-saccharide, alpha linking alpha-D-mannopyranose 'C6 H12 O6'
NAG D-saccharide, beta linking 2-acetamido-2-deoxy-beta-D-glucopyranose 'C8 H15 N O6'
#
# COMPACT_ATOMS: atom_id res chain seq x y z
N GLY A 22 -1.80 12.99 -26.25
CA GLY A 22 -0.47 13.44 -25.86
C GLY A 22 -0.40 13.93 -24.43
N PRO A 23 -1.05 15.06 -24.14
CA PRO A 23 -0.94 15.66 -22.79
C PRO A 23 -1.74 14.87 -21.75
N SER A 24 -1.09 14.56 -20.61
CA SER A 24 -1.73 13.90 -19.46
C SER A 24 -1.80 14.84 -18.27
N VAL A 25 -2.94 14.80 -17.55
CA VAL A 25 -3.22 15.69 -16.42
C VAL A 25 -3.30 14.89 -15.12
N PHE A 26 -2.68 15.41 -14.08
CA PHE A 26 -2.57 14.72 -12.81
C PHE A 26 -2.91 15.70 -11.71
N LEU A 27 -3.82 15.35 -10.80
CA LEU A 27 -4.35 16.28 -9.80
C LEU A 27 -4.16 15.72 -8.39
N PHE A 28 -3.31 16.37 -7.59
CA PHE A 28 -2.75 15.93 -6.30
C PHE A 28 -3.43 16.62 -5.14
N PRO A 29 -3.76 15.89 -4.07
CA PRO A 29 -4.43 16.51 -2.94
C PRO A 29 -3.44 17.20 -2.04
N PRO A 30 -3.90 18.04 -1.14
CA PRO A 30 -3.03 18.57 -0.10
C PRO A 30 -2.51 17.46 0.82
N LYS A 31 -1.42 17.77 1.51
CA LYS A 31 -0.86 16.87 2.51
C LYS A 31 -1.72 16.89 3.78
N PRO A 32 -1.88 15.75 4.46
CA PRO A 32 -2.83 15.72 5.56
C PRO A 32 -2.39 16.59 6.72
N LYS A 33 -1.09 16.69 6.97
CA LYS A 33 -0.62 17.58 8.01
C LYS A 33 -0.91 19.04 7.66
N ASP A 34 -1.03 19.34 6.36
CA ASP A 34 -1.35 20.67 5.86
C ASP A 34 -2.80 21.05 6.06
N THR A 35 -3.73 20.12 5.79
CA THR A 35 -5.15 20.44 5.91
C THR A 35 -5.59 20.54 7.37
N LEU A 36 -4.77 20.08 8.32
CA LEU A 36 -5.21 19.86 9.68
C LEU A 36 -4.67 20.85 10.67
N MET A 37 -3.96 21.87 10.20
CA MET A 37 -3.28 22.78 11.11
C MET A 37 -3.37 24.15 10.45
N ILE A 38 -3.94 25.12 11.17
CA ILE A 38 -4.29 26.39 10.52
C ILE A 38 -3.06 27.20 10.14
N SER A 39 -1.92 26.93 10.79
CA SER A 39 -0.63 27.55 10.53
C SER A 39 -0.06 27.18 9.16
N ARG A 40 -0.49 26.07 8.60
CA ARG A 40 0.05 25.57 7.34
C ARG A 40 -0.86 25.99 6.19
N THR A 41 -0.41 25.66 4.98
CA THR A 41 -1.02 26.16 3.76
C THR A 41 -1.32 24.96 2.91
N PRO A 42 -2.56 24.46 2.93
CA PRO A 42 -2.92 23.31 2.10
C PRO A 42 -3.18 23.73 0.65
N GLU A 43 -2.60 23.01 -0.29
CA GLU A 43 -2.74 23.37 -1.70
C GLU A 43 -3.02 22.15 -2.56
N VAL A 44 -3.80 22.36 -3.59
CA VAL A 44 -4.08 21.35 -4.60
C VAL A 44 -3.20 21.68 -5.80
N THR A 45 -2.60 20.68 -6.42
CA THR A 45 -1.68 20.90 -7.52
C THR A 45 -2.16 20.17 -8.76
N CYS A 46 -2.37 20.90 -9.86
CA CYS A 46 -2.70 20.32 -11.17
C CYS A 46 -1.46 20.27 -12.07
N VAL A 47 -0.96 19.08 -12.33
CA VAL A 47 0.30 18.89 -13.05
C VAL A 47 -0.02 18.34 -14.44
N VAL A 48 0.29 19.11 -15.48
CA VAL A 48 0.20 18.64 -16.85
C VAL A 48 1.58 18.20 -17.31
N VAL A 49 1.66 17.00 -17.88
CA VAL A 49 2.91 16.53 -18.45
C VAL A 49 2.66 16.17 -19.91
N ASP A 50 3.78 15.99 -20.64
CA ASP A 50 3.83 15.65 -22.06
C ASP A 50 3.14 16.69 -22.95
N VAL A 51 3.58 17.95 -22.92
CA VAL A 51 3.00 18.97 -23.78
C VAL A 51 4.00 19.26 -24.90
N SER A 52 3.57 19.06 -26.14
CA SER A 52 4.40 19.23 -27.33
C SER A 52 4.90 20.68 -27.47
N HIS A 53 5.99 20.84 -28.24
CA HIS A 53 6.68 22.14 -28.36
C HIS A 53 5.88 23.15 -29.16
N GLU A 54 5.04 22.69 -30.09
CA GLU A 54 4.34 23.59 -31.01
C GLU A 54 2.93 23.96 -30.55
N ASP A 55 2.36 23.26 -29.56
CA ASP A 55 1.18 23.70 -28.83
C ASP A 55 1.45 23.76 -27.33
N PRO A 56 2.38 24.67 -26.86
CA PRO A 56 2.77 24.67 -25.44
C PRO A 56 1.88 25.52 -24.55
N GLU A 57 1.04 26.38 -25.14
CA GLU A 57 0.16 27.23 -24.33
C GLU A 57 -0.88 26.34 -23.67
N VAL A 58 -0.78 26.16 -22.36
CA VAL A 58 -1.73 25.40 -21.56
C VAL A 58 -2.57 26.39 -20.75
N LYS A 59 -3.90 26.33 -20.91
CA LYS A 59 -4.81 27.14 -20.11
C LYS A 59 -5.37 26.31 -18.96
N PHE A 60 -5.51 26.94 -17.79
CA PHE A 60 -6.12 26.34 -16.60
C PHE A 60 -7.34 27.12 -16.16
N ASN A 61 -8.40 26.40 -15.81
CA ASN A 61 -9.52 26.94 -15.05
C ASN A 61 -9.76 26.06 -13.82
N TRP A 62 -10.06 26.70 -12.70
CA TRP A 62 -10.33 26.01 -11.45
C TRP A 62 -11.76 26.22 -11.03
N TYR A 63 -12.42 25.13 -10.61
CA TYR A 63 -13.75 25.20 -10.07
C TYR A 63 -13.74 24.60 -8.67
N VAL A 64 -14.41 25.27 -7.75
CA VAL A 64 -14.60 24.80 -6.38
C VAL A 64 -16.09 24.58 -6.18
N ASP A 65 -16.49 23.32 -6.03
CA ASP A 65 -17.89 22.89 -6.01
C ASP A 65 -18.68 23.50 -7.18
N GLY A 66 -18.03 23.62 -8.34
CA GLY A 66 -18.66 24.09 -9.56
C GLY A 66 -18.54 25.57 -9.87
N VAL A 67 -18.18 26.43 -8.90
CA VAL A 67 -18.01 27.85 -9.18
C VAL A 67 -16.55 28.14 -9.52
N GLU A 68 -16.32 28.87 -10.61
CA GLU A 68 -14.95 29.15 -11.03
C GLU A 68 -14.26 30.04 -10.02
N VAL A 69 -13.03 29.69 -9.66
CA VAL A 69 -12.19 30.54 -8.81
C VAL A 69 -11.00 31.01 -9.63
N HIS A 70 -10.51 32.22 -9.31
CA HIS A 70 -9.62 32.96 -10.19
C HIS A 70 -8.30 33.32 -9.51
N ASN A 71 -7.90 32.57 -8.47
CA ASN A 71 -6.74 32.89 -7.65
C ASN A 71 -5.70 31.77 -7.62
N ALA A 72 -5.56 30.99 -8.70
CA ALA A 72 -4.56 29.93 -8.75
C ALA A 72 -3.28 30.43 -9.41
N LYS A 73 -2.13 29.95 -8.90
CA LYS A 73 -0.80 30.44 -9.31
C LYS A 73 -0.15 29.44 -10.25
N THR A 74 -0.08 29.77 -11.54
CA THR A 74 0.48 28.85 -12.54
C THR A 74 1.97 29.11 -12.72
N LYS A 75 2.79 28.14 -12.32
CA LYS A 75 4.24 28.31 -12.43
C LYS A 75 4.64 28.25 -13.90
N PRO A 76 5.67 29.01 -14.31
CA PRO A 76 5.99 29.11 -15.74
C PRO A 76 6.59 27.82 -16.27
N ARG A 77 6.21 27.47 -17.50
CA ARG A 77 6.45 26.14 -18.01
C ARG A 77 7.94 25.79 -18.00
N GLU A 78 8.22 24.50 -17.88
CA GLU A 78 9.57 23.98 -17.72
C GLU A 78 9.77 22.82 -18.69
N GLU A 79 10.82 22.92 -19.52
CA GLU A 79 11.06 21.96 -20.59
C GLU A 79 11.80 20.75 -20.02
N GLN A 80 11.21 19.56 -20.18
CA GLN A 80 11.82 18.35 -19.66
C GLN A 80 12.85 17.80 -20.66
N TYR A 81 13.73 16.93 -20.13
CA TYR A 81 14.84 16.40 -20.92
C TYR A 81 14.37 15.46 -22.00
N ASN A 82 13.19 14.87 -21.85
CA ASN A 82 12.55 14.10 -22.92
C ASN A 82 11.80 14.97 -23.92
N SER A 83 12.13 16.27 -23.96
CA SER A 83 11.63 17.22 -24.98
C SER A 83 10.10 17.35 -24.94
N THR A 84 9.55 17.47 -23.73
CA THR A 84 8.16 17.83 -23.51
C THR A 84 8.08 18.83 -22.36
N TYR A 85 7.01 19.62 -22.34
CA TYR A 85 6.82 20.63 -21.31
C TYR A 85 6.00 20.04 -20.17
N ARG A 86 6.42 20.32 -18.95
CA ARG A 86 5.65 19.98 -17.76
C ARG A 86 5.22 21.29 -17.11
N VAL A 87 3.91 21.53 -17.04
CA VAL A 87 3.35 22.77 -16.54
C VAL A 87 2.54 22.47 -15.28
N VAL A 88 2.70 23.31 -14.26
CA VAL A 88 2.11 23.10 -12.95
C VAL A 88 1.29 24.33 -12.55
N SER A 89 0.12 24.08 -11.95
CA SER A 89 -0.75 25.11 -11.42
C SER A 89 -1.12 24.75 -9.98
N VAL A 90 -1.13 25.75 -9.10
CA VAL A 90 -1.27 25.46 -7.67
C VAL A 90 -2.35 26.36 -7.11
N LEU A 91 -3.46 25.75 -6.72
CA LEU A 91 -4.52 26.49 -6.05
C LEU A 91 -4.44 26.19 -4.57
N THR A 92 -4.51 27.25 -3.76
CA THR A 92 -4.57 27.14 -2.31
C THR A 92 -6.01 26.94 -1.88
N VAL A 93 -6.22 26.14 -0.84
CA VAL A 93 -7.58 25.82 -0.43
C VAL A 93 -7.73 26.19 1.05
N LEU A 94 -8.94 26.66 1.41
CA LEU A 94 -9.24 26.88 2.83
C LEU A 94 -9.35 25.54 3.57
N HIS A 95 -8.90 25.53 4.83
CA HIS A 95 -8.89 24.27 5.57
C HIS A 95 -10.29 23.76 5.83
N GLN A 96 -11.24 24.67 6.08
CA GLN A 96 -12.63 24.25 6.27
C GLN A 96 -13.31 23.90 4.96
N ASP A 97 -12.82 24.44 3.84
CA ASP A 97 -13.30 24.00 2.54
C ASP A 97 -12.94 22.55 2.27
N TRP A 98 -11.67 22.19 2.45
CA TRP A 98 -11.26 20.81 2.21
C TRP A 98 -12.04 19.87 3.14
N LEU A 99 -12.09 20.21 4.42
CA LEU A 99 -12.64 19.32 5.40
C LEU A 99 -14.17 19.27 5.36
N ASN A 100 -14.82 20.32 4.83
CA ASN A 100 -16.27 20.28 4.57
C ASN A 100 -16.62 19.57 3.26
N GLY A 101 -15.66 18.96 2.58
CA GLY A 101 -15.99 18.12 1.45
C GLY A 101 -16.23 18.80 0.12
N LYS A 102 -15.65 19.98 -0.12
CA LYS A 102 -15.77 20.62 -1.44
C LYS A 102 -14.96 19.87 -2.52
N GLU A 103 -15.48 19.85 -3.76
CA GLU A 103 -14.81 19.22 -4.90
C GLU A 103 -13.95 20.25 -5.65
N TYR A 104 -12.75 19.87 -6.04
CA TYR A 104 -11.87 20.76 -6.77
C TYR A 104 -11.71 20.22 -8.18
N LYS A 105 -12.12 21.01 -9.17
CA LYS A 105 -12.07 20.62 -10.56
C LYS A 105 -11.02 21.47 -11.25
N CYS A 106 -9.90 20.84 -11.60
CA CYS A 106 -8.94 21.41 -12.53
C CYS A 106 -9.44 21.18 -13.95
N LYS A 107 -9.46 22.22 -14.78
CA LYS A 107 -9.84 22.06 -16.19
C LYS A 107 -8.69 22.55 -17.08
N VAL A 108 -8.05 21.63 -17.79
CA VAL A 108 -6.88 21.92 -18.61
C VAL A 108 -7.29 21.89 -20.08
N SER A 109 -7.05 23.01 -20.77
CA SER A 109 -7.31 23.18 -22.20
C SER A 109 -5.98 23.43 -22.92
N ASN A 110 -5.85 22.86 -24.13
CA ASN A 110 -4.64 22.97 -24.94
C ASN A 110 -5.01 22.57 -26.37
N LYS A 111 -4.41 23.25 -27.35
CA LYS A 111 -4.79 23.04 -28.74
C LYS A 111 -4.24 21.75 -29.30
N ALA A 112 -3.48 20.99 -28.52
CA ALA A 112 -3.13 19.62 -28.84
C ALA A 112 -4.26 18.65 -28.52
N LEU A 113 -5.28 19.10 -27.76
CA LEU A 113 -6.36 18.22 -27.30
C LEU A 113 -7.59 18.36 -28.17
N PRO A 114 -8.25 17.23 -28.47
CA PRO A 114 -9.57 17.32 -29.12
C PRO A 114 -10.52 18.27 -28.38
N ALA A 115 -10.63 18.11 -27.06
CA ALA A 115 -11.44 18.95 -26.19
C ALA A 115 -10.82 18.92 -24.79
N PRO A 116 -11.16 19.89 -23.91
CA PRO A 116 -10.43 20.01 -22.64
C PRO A 116 -10.56 18.78 -21.74
N ILE A 117 -9.54 18.55 -20.92
CA ILE A 117 -9.50 17.48 -19.91
C ILE A 117 -9.89 18.05 -18.55
N GLU A 118 -10.80 17.36 -17.85
CA GLU A 118 -11.14 17.71 -16.48
C GLU A 118 -10.70 16.61 -15.53
N LYS A 119 -10.16 17.01 -14.38
CA LYS A 119 -9.87 16.13 -13.25
C LYS A 119 -10.46 16.76 -12.00
N THR A 120 -11.02 15.94 -11.10
CA THR A 120 -11.61 16.46 -9.87
C THR A 120 -11.01 15.74 -8.68
N ILE A 121 -11.05 16.39 -7.51
CA ILE A 121 -10.46 15.81 -6.32
C ILE A 121 -11.20 16.41 -5.13
N SER A 122 -11.25 15.64 -4.03
CA SER A 122 -11.95 16.01 -2.80
C SER A 122 -11.45 15.12 -1.67
N LYS A 123 -11.85 15.45 -0.45
CA LYS A 123 -11.79 14.50 0.65
C LYS A 123 -12.72 13.31 0.38
N ALA A 124 -12.49 12.21 1.11
CA ALA A 124 -13.26 10.98 0.89
C ALA A 124 -14.66 11.09 1.50
N LYS A 125 -15.68 10.74 0.71
CA LYS A 125 -17.06 10.85 1.20
C LYS A 125 -17.28 9.85 2.34
N GLY A 126 -18.22 10.17 3.23
CA GLY A 126 -18.42 9.34 4.40
C GLY A 126 -18.07 10.07 5.68
N GLN A 127 -18.72 9.64 6.77
CA GLN A 127 -18.61 10.34 8.05
C GLN A 127 -17.24 10.08 8.68
N PRO A 128 -16.52 11.11 9.10
CA PRO A 128 -15.28 10.86 9.83
C PRO A 128 -15.50 9.98 11.05
N ARG A 129 -14.46 9.21 11.37
CA ARG A 129 -14.45 8.31 12.52
C ARG A 129 -13.14 8.50 13.24
N GLU A 130 -13.22 8.55 14.56
CA GLU A 130 -12.08 8.96 15.39
C GLU A 130 -11.12 7.78 15.66
N PRO A 131 -9.84 7.89 15.31
CA PRO A 131 -8.92 6.77 15.51
C PRO A 131 -8.67 6.48 16.97
N GLN A 132 -8.66 5.19 17.33
CA GLN A 132 -8.21 4.73 18.65
C GLN A 132 -6.72 4.45 18.56
N VAL A 133 -5.97 4.85 19.59
CA VAL A 133 -4.51 4.81 19.53
C VAL A 133 -3.96 4.01 20.70
N TYR A 134 -3.30 2.92 20.38
CA TYR A 134 -2.75 1.99 21.35
C TYR A 134 -1.27 1.88 21.10
N THR A 135 -0.52 1.74 22.17
CA THR A 135 0.93 1.61 22.06
C THR A 135 1.32 0.27 22.66
N LEU A 136 1.95 -0.59 21.84
CA LEU A 136 2.31 -1.90 22.38
C LEU A 136 3.81 -1.98 22.62
N PRO A 137 4.23 -2.58 23.74
CA PRO A 137 5.68 -2.70 24.01
C PRO A 137 6.24 -3.93 23.32
N PRO A 138 7.57 -4.07 23.26
CA PRO A 138 8.14 -5.15 22.47
C PRO A 138 7.92 -6.51 23.10
N SER A 139 7.95 -7.52 22.23
CA SER A 139 7.95 -8.91 22.66
C SER A 139 9.11 -9.17 23.63
N ARG A 140 8.91 -10.12 24.55
CA ARG A 140 10.02 -10.56 25.39
C ARG A 140 11.13 -11.15 24.54
N ASP A 141 10.76 -11.83 23.43
CA ASP A 141 11.73 -12.39 22.49
C ASP A 141 12.59 -11.32 21.85
N GLU A 142 12.08 -10.10 21.76
CA GLU A 142 12.89 -8.95 21.38
C GLU A 142 13.52 -8.37 22.66
N LEU A 143 14.42 -9.14 23.20
CA LEU A 143 15.46 -8.60 24.07
C LEU A 143 16.83 -9.12 23.69
N THR A 144 16.93 -10.34 23.23
CA THR A 144 18.14 -10.89 22.73
C THR A 144 18.73 -10.09 21.47
N LYS A 145 18.32 -8.84 21.19
CA LYS A 145 18.85 -8.04 20.10
C LYS A 145 19.37 -6.70 20.62
N ASN A 146 20.19 -6.02 19.80
CA ASN A 146 20.66 -4.68 20.12
C ASN A 146 19.56 -3.64 19.93
N GLN A 147 18.69 -3.86 18.95
CA GLN A 147 17.61 -2.96 18.60
C GLN A 147 16.28 -3.59 19.00
N VAL A 148 15.28 -2.75 19.22
CA VAL A 148 13.99 -3.21 19.71
C VAL A 148 12.88 -2.39 19.07
N SER A 149 11.71 -3.02 18.86
CA SER A 149 10.61 -2.40 18.13
C SER A 149 9.50 -1.95 19.07
N LEU A 150 9.23 -0.65 19.06
CA LEU A 150 8.08 -0.08 19.74
C LEU A 150 6.98 0.13 18.71
N THR A 151 5.75 -0.25 19.08
CA THR A 151 4.62 -0.33 18.13
C THR A 151 3.43 0.51 18.57
N CYS A 152 2.82 1.16 17.59
CA CYS A 152 1.68 2.05 17.77
C CYS A 152 0.59 1.60 16.82
N LEU A 153 -0.51 1.11 17.35
CA LEU A 153 -1.63 0.68 16.52
C LEU A 153 -2.63 1.82 16.52
N VAL A 154 -2.98 2.31 15.33
CA VAL A 154 -4.02 3.29 15.16
C VAL A 154 -5.10 2.63 14.34
N LYS A 155 -6.32 2.59 14.86
CA LYS A 155 -7.38 1.82 14.19
C LYS A 155 -8.72 2.58 14.19
N GLY A 156 -9.59 2.13 13.30
CA GLY A 156 -10.95 2.66 13.20
C GLY A 156 -11.07 4.13 12.83
N PHE A 157 -10.21 4.63 11.96
CA PHE A 157 -10.31 6.01 11.52
C PHE A 157 -10.88 6.10 10.11
N TYR A 158 -11.53 7.23 9.82
CA TYR A 158 -12.06 7.54 8.52
C TYR A 158 -12.12 9.06 8.36
N PRO A 159 -11.78 9.61 7.19
CA PRO A 159 -11.24 8.95 6.00
C PRO A 159 -9.78 8.59 6.29
N SER A 160 -8.98 8.12 5.33
CA SER A 160 -7.67 7.55 5.68
C SER A 160 -6.52 8.57 5.66
N ASP A 161 -6.82 9.87 5.48
CA ASP A 161 -5.80 10.90 5.66
C ASP A 161 -5.45 11.04 7.14
N ILE A 162 -4.22 10.68 7.50
CA ILE A 162 -3.75 10.66 8.87
C ILE A 162 -2.25 10.94 8.83
N ALA A 163 -1.69 11.28 9.99
CA ALA A 163 -0.25 11.55 10.12
C ALA A 163 0.26 11.00 11.46
N VAL A 164 1.28 10.14 11.43
CA VAL A 164 1.79 9.51 12.64
C VAL A 164 3.25 9.89 12.83
N GLU A 165 3.62 10.24 14.06
CA GLU A 165 4.99 10.68 14.31
C GLU A 165 5.41 10.31 15.73
N TRP A 166 6.66 9.83 15.85
CA TRP A 166 7.28 9.46 17.12
C TRP A 166 8.16 10.59 17.66
N GLU A 167 8.21 10.69 18.98
CA GLU A 167 9.17 11.55 19.65
C GLU A 167 9.49 10.99 21.03
N SER A 168 10.56 11.52 21.60
CA SER A 168 10.89 11.32 23.00
C SER A 168 11.48 12.62 23.53
N ASN A 169 11.15 12.93 24.78
CA ASN A 169 11.66 14.10 25.49
C ASN A 169 11.59 15.34 24.59
N GLY A 170 10.56 15.44 23.78
CA GLY A 170 10.30 16.62 22.97
C GLY A 170 10.91 16.59 21.58
N GLN A 171 12.02 15.92 21.44
CA GLN A 171 12.72 15.90 20.17
C GLN A 171 12.19 14.76 19.29
N PRO A 172 12.13 14.96 17.98
CA PRO A 172 11.57 13.93 17.09
C PRO A 172 12.45 12.67 17.02
N GLU A 173 11.85 11.57 16.58
CA GLU A 173 12.60 10.34 16.36
C GLU A 173 12.93 10.16 14.89
N ASN A 174 14.03 9.46 14.65
CA ASN A 174 14.53 9.25 13.30
C ASN A 174 14.00 7.93 12.75
N ASN A 175 14.24 6.85 13.50
CA ASN A 175 14.11 5.49 12.97
C ASN A 175 12.71 4.92 13.23
N TYR A 176 11.75 5.42 12.44
CA TYR A 176 10.43 4.82 12.47
C TYR A 176 9.91 4.65 11.05
N LYS A 177 9.10 3.60 10.88
CA LYS A 177 8.44 3.32 9.61
C LYS A 177 6.94 3.13 9.88
N THR A 178 6.11 3.45 8.88
CA THR A 178 4.67 3.40 9.03
C THR A 178 4.06 2.59 7.89
N THR A 179 3.18 1.63 8.20
CA THR A 179 2.50 0.90 7.13
C THR A 179 1.50 1.83 6.49
N PRO A 180 1.01 1.52 5.30
CA PRO A 180 -0.08 2.33 4.73
C PRO A 180 -1.40 2.03 5.42
N PRO A 181 -2.40 2.90 5.30
CA PRO A 181 -3.69 2.61 5.92
C PRO A 181 -4.33 1.40 5.25
N VAL A 182 -4.75 0.44 6.05
CA VAL A 182 -5.32 -0.82 5.60
C VAL A 182 -6.81 -0.79 5.91
N LEU A 183 -7.60 -1.37 5.02
CA LEU A 183 -9.05 -1.37 5.11
C LEU A 183 -9.56 -2.52 5.97
N TYR A 184 -10.27 -2.16 7.04
N TYR A 184 -10.21 -2.20 7.09
CA TYR A 184 -11.06 -3.07 7.83
CA TYR A 184 -10.85 -3.27 7.84
C TYR A 184 -12.21 -3.65 7.03
C TYR A 184 -12.23 -3.54 7.21
N SER A 185 -12.82 -4.68 7.61
CA SER A 185 -14.07 -5.15 7.06
C SER A 185 -15.16 -4.10 7.16
N ASP A 186 -15.21 -3.35 8.29
CA ASP A 186 -16.35 -2.46 8.51
C ASP A 186 -16.26 -1.11 7.79
N GLY A 187 -15.27 -0.90 6.92
CA GLY A 187 -15.16 0.33 6.15
C GLY A 187 -14.12 1.32 6.64
N SER A 188 -13.72 1.24 7.91
CA SER A 188 -12.73 2.13 8.51
C SER A 188 -11.31 1.64 8.23
N PHE A 189 -10.30 2.41 8.69
CA PHE A 189 -8.91 2.13 8.39
C PHE A 189 -8.11 1.91 9.66
N PHE A 190 -7.05 1.10 9.54
CA PHE A 190 -6.05 0.93 10.58
C PHE A 190 -4.63 1.00 10.00
N LEU A 191 -3.66 1.29 10.86
CA LEU A 191 -2.27 1.22 10.43
C LEU A 191 -1.41 0.91 11.65
N TYR A 192 -0.16 0.53 11.40
CA TYR A 192 0.85 0.39 12.45
C TYR A 192 2.04 1.29 12.13
N SER A 193 2.64 1.85 13.17
CA SER A 193 3.90 2.58 13.06
C SER A 193 4.92 1.93 13.98
N LYS A 194 6.12 1.72 13.46
CA LYS A 194 7.15 0.98 14.18
C LYS A 194 8.34 1.91 14.41
N LEU A 195 8.77 2.00 15.67
CA LEU A 195 9.92 2.80 16.06
C LEU A 195 11.01 1.86 16.55
N THR A 196 12.10 1.80 15.80
CA THR A 196 13.24 0.98 16.16
C THR A 196 14.16 1.80 17.05
N VAL A 197 14.37 1.35 18.29
CA VAL A 197 15.26 2.02 19.21
C VAL A 197 16.25 1.01 19.79
N ASP A 198 17.43 1.51 20.19
CA ASP A 198 18.43 0.66 20.81
C ASP A 198 17.98 0.28 22.21
N LYS A 199 18.00 -1.03 22.47
CA LYS A 199 17.54 -1.65 23.69
C LYS A 199 17.98 -0.90 24.94
N SER A 200 19.20 -0.35 24.88
CA SER A 200 19.73 0.52 25.95
C SER A 200 18.73 1.58 26.39
N ARG A 201 18.22 2.37 25.44
CA ARG A 201 17.34 3.49 25.78
C ARG A 201 16.01 2.99 26.33
N TRP A 202 15.48 1.89 25.77
CA TRP A 202 14.24 1.33 26.29
C TRP A 202 14.45 0.76 27.68
N GLN A 203 15.64 0.22 27.95
CA GLN A 203 16.00 -0.22 29.28
C GLN A 203 16.10 0.96 30.23
N GLN A 204 16.94 1.96 29.89
CA GLN A 204 17.15 3.12 30.75
C GLN A 204 15.81 3.63 31.28
N GLY A 205 14.79 3.68 30.42
CA GLY A 205 13.44 4.01 30.81
C GLY A 205 12.88 5.25 30.14
N ASN A 206 13.52 5.73 29.06
CA ASN A 206 13.01 6.86 28.31
C ASN A 206 11.55 6.63 27.96
N VAL A 207 10.81 7.72 27.90
CA VAL A 207 9.45 7.67 27.40
C VAL A 207 9.48 8.05 25.93
N PHE A 208 8.86 7.19 25.12
CA PHE A 208 8.62 7.45 23.71
C PHE A 208 7.15 7.76 23.52
N SER A 209 6.86 8.64 22.57
CA SER A 209 5.49 9.07 22.35
C SER A 209 5.13 8.93 20.89
N CYS A 210 3.94 8.42 20.66
CA CYS A 210 3.38 8.26 19.33
C CYS A 210 2.32 9.34 19.18
N SER A 211 2.53 10.24 18.24
CA SER A 211 1.60 11.35 18.03
C SER A 211 0.84 11.11 16.74
N VAL A 212 -0.48 11.29 16.79
CA VAL A 212 -1.37 11.02 15.68
C VAL A 212 -2.19 12.27 15.40
N MET A 213 -2.20 12.71 14.14
CA MET A 213 -2.98 13.84 13.66
C MET A 213 -4.05 13.34 12.70
N HIS A 214 -5.32 13.54 13.05
CA HIS A 214 -6.43 13.14 12.21
C HIS A 214 -7.57 14.16 12.37
N GLU A 215 -8.38 14.32 11.31
CA GLU A 215 -9.48 15.30 11.40
C GLU A 215 -10.49 14.97 12.51
N ALA A 216 -10.78 13.69 12.80
CA ALA A 216 -11.79 13.37 13.80
C ALA A 216 -11.22 13.32 15.23
N LEU A 217 -10.06 13.91 15.48
CA LEU A 217 -9.53 14.02 16.82
C LEU A 217 -9.71 15.44 17.35
N HIS A 218 -9.68 15.57 18.68
CA HIS A 218 -9.82 16.88 19.32
C HIS A 218 -8.54 17.67 19.15
N ASN A 219 -8.65 18.93 18.74
CA ASN A 219 -7.53 19.73 18.28
C ASN A 219 -6.77 19.07 17.16
N HIS A 220 -7.36 18.02 16.57
CA HIS A 220 -6.83 17.32 15.41
C HIS A 220 -5.56 16.49 15.72
N TYR A 221 -5.31 16.22 17.01
CA TYR A 221 -4.03 15.68 17.46
C TYR A 221 -4.23 14.92 18.75
N THR A 222 -3.57 13.78 18.85
CA THR A 222 -3.43 13.11 20.13
C THR A 222 -2.05 12.48 20.21
N GLN A 223 -1.73 11.96 21.40
CA GLN A 223 -0.37 11.56 21.72
C GLN A 223 -0.46 10.51 22.81
N LYS A 224 0.22 9.38 22.60
CA LYS A 224 0.27 8.27 23.55
C LYS A 224 1.73 7.98 23.86
N SER A 225 2.02 7.76 25.14
CA SER A 225 3.38 7.63 25.65
C SER A 225 3.63 6.19 26.07
N LEU A 226 4.92 5.83 26.18
CA LEU A 226 5.30 4.43 26.31
C LEU A 226 6.70 4.33 26.93
N SER A 227 6.85 3.44 27.91
CA SER A 227 8.12 3.28 28.58
C SER A 227 8.10 1.97 29.37
N LEU A 228 9.28 1.60 29.86
CA LEU A 228 9.48 0.37 30.62
C LEU A 228 8.70 0.41 31.93
N GLY B 22 -5.00 0.53 -25.05
CA GLY B 22 -4.15 -0.60 -25.33
C GLY B 22 -3.94 -0.95 -26.81
N PRO B 23 -3.67 -2.24 -27.11
CA PRO B 23 -3.42 -3.36 -26.17
C PRO B 23 -2.23 -3.18 -25.17
N SER B 24 -2.53 -3.01 -23.87
CA SER B 24 -1.58 -2.80 -22.79
C SER B 24 -1.37 -4.09 -21.99
N VAL B 25 -0.12 -4.46 -21.74
CA VAL B 25 0.21 -5.73 -21.13
C VAL B 25 0.63 -5.53 -19.67
N PHE B 26 0.11 -6.40 -18.79
CA PHE B 26 0.53 -6.52 -17.41
C PHE B 26 0.95 -7.95 -17.16
N LEU B 27 2.00 -8.15 -16.38
CA LEU B 27 2.50 -9.48 -16.01
C LEU B 27 2.53 -9.57 -14.49
N PHE B 28 1.98 -10.66 -13.94
CA PHE B 28 1.91 -10.84 -12.50
C PHE B 28 2.70 -12.07 -12.04
N PRO B 29 3.14 -12.08 -10.78
CA PRO B 29 3.86 -13.26 -10.27
C PRO B 29 2.92 -14.21 -9.55
N PRO B 30 3.38 -15.43 -9.26
CA PRO B 30 2.53 -16.37 -8.52
C PRO B 30 2.26 -15.87 -7.12
N LYS B 31 1.18 -16.36 -6.53
CA LYS B 31 0.95 -16.09 -5.12
C LYS B 31 2.03 -16.79 -4.28
N PRO B 32 2.37 -16.22 -3.12
CA PRO B 32 3.47 -16.80 -2.33
C PRO B 32 3.17 -18.20 -1.83
N LYS B 33 2.07 -18.35 -1.10
CA LYS B 33 1.56 -19.64 -0.68
C LYS B 33 1.81 -20.73 -1.75
N ASP B 34 1.56 -20.40 -3.03
CA ASP B 34 1.65 -21.42 -4.08
C ASP B 34 3.10 -21.84 -4.35
N THR B 35 4.06 -20.89 -4.34
CA THR B 35 5.45 -21.24 -4.65
C THR B 35 6.16 -21.95 -3.49
N LEU B 36 5.54 -22.00 -2.30
CA LEU B 36 6.20 -22.54 -1.13
C LEU B 36 5.73 -23.95 -0.75
N MET B 37 4.58 -24.39 -1.24
CA MET B 37 4.10 -25.76 -1.04
C MET B 37 4.13 -26.54 -2.34
N ILE B 38 4.68 -27.76 -2.29
CA ILE B 38 4.71 -28.63 -3.47
C ILE B 38 3.31 -29.04 -3.91
N SER B 39 2.33 -29.01 -3.00
CA SER B 39 0.96 -29.45 -3.25
C SER B 39 0.16 -28.45 -4.09
N ARG B 40 0.43 -27.16 -3.98
CA ARG B 40 -0.30 -26.14 -4.72
C ARG B 40 0.35 -25.95 -6.09
N THR B 41 -0.33 -25.21 -6.95
CA THR B 41 0.15 -25.02 -8.32
C THR B 41 0.42 -23.53 -8.53
N PRO B 42 1.68 -23.13 -8.72
CA PRO B 42 1.99 -21.71 -8.88
C PRO B 42 1.94 -21.29 -10.34
N GLU B 43 1.19 -20.22 -10.67
CA GLU B 43 1.11 -19.74 -12.05
C GLU B 43 1.48 -18.26 -12.16
N VAL B 44 2.27 -17.95 -13.21
CA VAL B 44 2.43 -16.58 -13.71
C VAL B 44 1.31 -16.27 -14.72
N THR B 45 0.88 -15.02 -14.71
CA THR B 45 -0.36 -14.62 -15.36
C THR B 45 -0.16 -13.36 -16.19
N CYS B 46 -0.30 -13.49 -17.52
CA CYS B 46 -0.20 -12.40 -18.50
C CYS B 46 -1.60 -11.86 -18.83
N VAL B 47 -1.82 -10.57 -18.60
CA VAL B 47 -3.12 -9.93 -18.73
C VAL B 47 -3.03 -8.82 -19.78
N VAL B 48 -3.79 -8.94 -20.87
CA VAL B 48 -3.87 -7.91 -21.90
C VAL B 48 -5.18 -7.13 -21.70
N VAL B 49 -5.11 -5.99 -21.01
CA VAL B 49 -6.28 -5.13 -20.84
C VAL B 49 -6.50 -4.33 -22.13
N ASP B 50 -7.77 -4.04 -22.43
CA ASP B 50 -8.16 -3.12 -23.51
C ASP B 50 -7.69 -3.63 -24.89
N VAL B 51 -8.24 -4.81 -25.30
CA VAL B 51 -8.23 -5.27 -26.69
C VAL B 51 -9.50 -4.77 -27.36
N SER B 52 -9.41 -4.50 -28.66
CA SER B 52 -10.53 -3.94 -29.40
C SER B 52 -11.33 -5.05 -30.07
N HIS B 53 -12.65 -4.84 -30.16
CA HIS B 53 -13.54 -5.81 -30.82
C HIS B 53 -13.05 -6.13 -32.23
N GLU B 54 -12.58 -5.12 -32.95
CA GLU B 54 -11.94 -5.33 -34.25
C GLU B 54 -10.49 -5.76 -34.03
N ASP B 55 -10.03 -6.76 -34.80
CA ASP B 55 -8.75 -7.40 -34.58
C ASP B 55 -8.55 -7.82 -33.12
N PRO B 56 -9.43 -8.66 -32.57
CA PRO B 56 -9.27 -9.11 -31.19
C PRO B 56 -8.38 -10.33 -31.04
N GLU B 57 -7.99 -10.97 -32.15
CA GLU B 57 -7.04 -12.07 -32.10
C GLU B 57 -5.70 -11.62 -31.52
N VAL B 58 -5.53 -11.83 -30.18
CA VAL B 58 -4.27 -11.64 -29.48
C VAL B 58 -3.53 -12.99 -29.44
N LYS B 59 -2.22 -12.95 -29.56
CA LYS B 59 -1.43 -14.16 -29.41
C LYS B 59 -0.53 -14.02 -28.17
N PHE B 60 -0.04 -15.16 -27.69
CA PHE B 60 0.91 -15.21 -26.59
C PHE B 60 2.03 -16.17 -26.93
N ASN B 61 3.23 -15.86 -26.46
CA ASN B 61 4.35 -16.78 -26.46
C ASN B 61 5.08 -16.61 -25.12
N TRP B 62 5.83 -17.63 -24.71
CA TRP B 62 6.27 -17.72 -23.31
C TRP B 62 7.68 -18.30 -23.21
N TYR B 63 8.62 -17.46 -22.83
CA TYR B 63 10.02 -17.85 -22.70
C TYR B 63 10.38 -18.05 -21.23
N VAL B 64 11.11 -19.14 -20.93
CA VAL B 64 11.66 -19.38 -19.59
C VAL B 64 13.19 -19.39 -19.70
N ASP B 65 13.82 -18.31 -19.23
CA ASP B 65 15.28 -18.15 -19.28
C ASP B 65 15.81 -18.38 -20.70
N GLY B 66 15.05 -17.92 -21.68
CA GLY B 66 15.43 -18.06 -23.07
C GLY B 66 15.05 -19.35 -23.76
N VAL B 67 14.31 -20.24 -23.09
CA VAL B 67 13.79 -21.46 -23.70
C VAL B 67 12.28 -21.30 -23.85
N GLU B 68 11.80 -21.33 -25.10
CA GLU B 68 10.37 -21.36 -25.36
C GLU B 68 9.76 -22.60 -24.70
N VAL B 69 8.66 -22.40 -23.98
CA VAL B 69 7.92 -23.51 -23.38
C VAL B 69 6.57 -23.61 -24.08
N HIS B 70 5.87 -24.70 -23.81
CA HIS B 70 4.84 -25.19 -24.69
C HIS B 70 3.48 -25.33 -24.03
N ASN B 71 3.37 -25.08 -22.73
CA ASN B 71 2.20 -25.51 -21.97
C ASN B 71 1.44 -24.36 -21.32
N ALA B 72 0.96 -23.41 -22.10
CA ALA B 72 0.25 -22.27 -21.57
C ALA B 72 -1.25 -22.41 -21.81
N LYS B 73 -2.04 -21.76 -20.97
CA LYS B 73 -3.49 -21.94 -20.94
C LYS B 73 -4.15 -20.56 -21.05
N THR B 74 -4.47 -20.15 -22.27
CA THR B 74 -5.09 -18.85 -22.49
C THR B 74 -6.57 -18.91 -22.12
N LYS B 75 -6.99 -18.12 -21.14
CA LYS B 75 -8.42 -18.05 -20.83
C LYS B 75 -9.17 -17.32 -21.93
N PRO B 76 -10.22 -17.95 -22.55
CA PRO B 76 -10.86 -17.40 -23.77
C PRO B 76 -11.11 -15.89 -23.87
N ARG B 77 -11.89 -15.27 -22.99
CA ARG B 77 -12.13 -13.82 -23.03
C ARG B 77 -12.92 -13.41 -21.79
N GLU B 78 -13.22 -12.11 -21.69
CA GLU B 78 -14.09 -11.68 -20.59
C GLU B 78 -15.08 -10.59 -20.98
N GLU B 79 -14.67 -9.64 -21.82
CA GLU B 79 -15.44 -8.45 -22.23
C GLU B 79 -15.90 -7.58 -21.06
N GLN B 80 -15.41 -6.33 -21.02
CA GLN B 80 -15.66 -5.39 -19.92
C GLN B 80 -16.81 -4.44 -20.26
N TYR B 81 -17.29 -3.75 -19.23
CA TYR B 81 -18.25 -2.69 -19.48
C TYR B 81 -17.63 -1.47 -20.13
N ASN B 82 -16.33 -1.49 -20.41
CA ASN B 82 -15.67 -0.45 -21.19
C ASN B 82 -15.57 -0.80 -22.67
N SER B 83 -16.58 -1.52 -23.19
CA SER B 83 -16.67 -2.06 -24.55
C SER B 83 -15.31 -2.50 -25.08
N THR B 84 -14.49 -3.06 -24.19
CA THR B 84 -13.18 -3.61 -24.53
C THR B 84 -13.03 -4.95 -23.82
N TYR B 85 -11.97 -5.69 -24.16
CA TYR B 85 -11.81 -7.09 -23.79
C TYR B 85 -10.57 -7.31 -22.92
N ARG B 86 -10.64 -8.30 -22.02
CA ARG B 86 -9.46 -8.78 -21.31
C ARG B 86 -9.15 -10.20 -21.75
N VAL B 87 -7.86 -10.48 -22.00
CA VAL B 87 -7.41 -11.77 -22.50
C VAL B 87 -6.23 -12.22 -21.64
N VAL B 88 -6.50 -13.10 -20.67
CA VAL B 88 -5.47 -13.62 -19.77
C VAL B 88 -4.94 -14.93 -20.32
N SER B 89 -3.62 -15.08 -20.33
CA SER B 89 -2.99 -16.38 -20.36
C SER B 89 -2.32 -16.64 -19.02
N VAL B 90 -2.36 -17.88 -18.57
CA VAL B 90 -1.66 -18.30 -17.36
C VAL B 90 -0.68 -19.39 -17.76
N LEU B 91 0.50 -19.37 -17.15
CA LEU B 91 1.49 -20.40 -17.37
C LEU B 91 1.91 -20.95 -16.01
N THR B 92 1.91 -22.28 -15.89
CA THR B 92 2.29 -22.95 -14.64
C THR B 92 3.80 -23.16 -14.60
N VAL B 93 4.34 -23.10 -13.39
CA VAL B 93 5.78 -23.00 -13.22
C VAL B 93 6.24 -24.00 -12.18
N LEU B 94 7.45 -24.51 -12.36
CA LEU B 94 8.03 -25.34 -11.32
C LEU B 94 8.33 -24.49 -10.09
N HIS B 95 8.17 -25.08 -8.92
CA HIS B 95 8.44 -24.35 -7.68
C HIS B 95 9.92 -24.02 -7.56
N GLN B 96 10.79 -24.96 -7.94
CA GLN B 96 12.22 -24.66 -7.90
C GLN B 96 12.64 -23.71 -9.01
N ASP B 97 11.97 -23.76 -10.17
CA ASP B 97 12.27 -22.79 -11.21
C ASP B 97 12.06 -21.37 -10.71
N TRP B 98 10.91 -21.10 -10.10
CA TRP B 98 10.64 -19.74 -9.64
C TRP B 98 11.56 -19.35 -8.48
N LEU B 99 11.77 -20.26 -7.53
CA LEU B 99 12.58 -19.92 -6.37
C LEU B 99 14.06 -19.75 -6.74
N ASN B 100 14.50 -20.31 -7.86
CA ASN B 100 15.88 -20.17 -8.36
C ASN B 100 16.09 -18.94 -9.22
N GLY B 101 15.06 -18.12 -9.40
CA GLY B 101 15.18 -16.85 -10.08
C GLY B 101 15.09 -16.86 -11.59
N LYS B 102 14.50 -17.89 -12.19
CA LYS B 102 14.34 -17.92 -13.64
C LYS B 102 13.44 -16.77 -14.10
N GLU B 103 13.70 -16.24 -15.29
CA GLU B 103 12.89 -15.16 -15.84
C GLU B 103 11.77 -15.75 -16.68
N TYR B 104 10.59 -15.15 -16.59
CA TYR B 104 9.40 -15.64 -17.25
C TYR B 104 8.93 -14.56 -18.23
N LYS B 105 9.12 -14.83 -19.53
CA LYS B 105 8.93 -13.82 -20.57
C LYS B 105 7.63 -14.11 -21.31
N CYS B 106 6.69 -13.19 -21.19
CA CYS B 106 5.45 -13.22 -21.94
C CYS B 106 5.53 -12.20 -23.08
N LYS B 107 5.27 -12.66 -24.32
CA LYS B 107 5.30 -11.81 -25.52
C LYS B 107 3.95 -11.89 -26.24
N VAL B 108 3.40 -10.72 -26.57
CA VAL B 108 2.03 -10.55 -27.05
C VAL B 108 2.06 -10.03 -28.48
N SER B 109 1.53 -10.84 -29.41
CA SER B 109 1.40 -10.47 -30.82
C SER B 109 -0.04 -10.16 -31.15
N ASN B 110 -0.30 -8.95 -31.65
CA ASN B 110 -1.62 -8.59 -32.15
C ASN B 110 -1.43 -7.47 -33.17
N LYS B 111 -2.16 -7.58 -34.29
CA LYS B 111 -1.93 -6.68 -35.43
C LYS B 111 -2.27 -5.24 -35.11
N ALA B 112 -3.04 -5.00 -34.06
CA ALA B 112 -3.32 -3.63 -33.63
C ALA B 112 -2.13 -2.97 -32.94
N LEU B 113 -1.05 -3.73 -32.62
CA LEU B 113 0.19 -3.26 -32.02
C LEU B 113 1.22 -2.93 -33.09
N PRO B 114 1.99 -1.86 -32.89
CA PRO B 114 3.07 -1.54 -33.84
C PRO B 114 4.06 -2.68 -34.06
N ALA B 115 4.48 -3.36 -32.99
CA ALA B 115 5.36 -4.52 -33.06
C ALA B 115 5.08 -5.35 -31.81
N PRO B 116 5.60 -6.59 -31.73
CA PRO B 116 5.30 -7.41 -30.56
C PRO B 116 5.70 -6.70 -29.26
N ILE B 117 4.76 -6.74 -28.24
CA ILE B 117 5.03 -6.29 -26.87
C ILE B 117 5.70 -7.44 -26.09
N GLU B 118 6.48 -7.08 -25.08
CA GLU B 118 7.08 -8.06 -24.19
C GLU B 118 7.02 -7.53 -22.77
N LYS B 119 7.11 -8.45 -21.81
CA LYS B 119 7.27 -8.17 -20.41
C LYS B 119 8.01 -9.35 -19.80
N THR B 120 8.70 -9.08 -18.71
CA THR B 120 9.47 -10.11 -18.03
C THR B 120 9.17 -10.04 -16.55
N ILE B 121 9.36 -11.18 -15.88
CA ILE B 121 9.14 -11.28 -14.45
C ILE B 121 10.06 -12.36 -13.92
N SER B 122 10.48 -12.20 -12.67
CA SER B 122 11.15 -13.24 -11.91
C SER B 122 11.08 -12.85 -10.45
N LYS B 123 11.64 -13.71 -9.60
CA LYS B 123 11.75 -13.39 -8.20
C LYS B 123 12.73 -12.23 -7.98
N ALA B 124 12.52 -11.48 -6.90
CA ALA B 124 13.52 -10.48 -6.50
C ALA B 124 14.86 -11.15 -6.26
N LYS B 125 15.89 -10.60 -6.89
CA LYS B 125 17.26 -11.08 -6.74
C LYS B 125 17.74 -10.81 -5.30
N GLY B 126 18.64 -11.66 -4.80
CA GLY B 126 19.23 -11.36 -3.50
C GLY B 126 19.08 -12.46 -2.48
N GLN B 127 19.89 -12.42 -1.44
CA GLN B 127 19.93 -13.47 -0.43
C GLN B 127 18.64 -13.43 0.38
N PRO B 128 17.81 -14.48 0.35
CA PRO B 128 16.65 -14.52 1.24
C PRO B 128 17.04 -14.40 2.70
N ARG B 129 16.28 -13.60 3.42
CA ARG B 129 16.52 -13.31 4.81
C ARG B 129 15.32 -13.81 5.59
N GLU B 130 15.55 -14.39 6.77
CA GLU B 130 14.35 -15.05 7.32
C GLU B 130 13.58 -14.14 8.27
N PRO B 131 12.24 -14.21 8.25
CA PRO B 131 11.43 -13.33 9.11
C PRO B 131 11.56 -13.66 10.59
N GLN B 132 11.55 -12.61 11.40
CA GLN B 132 11.44 -12.70 12.84
C GLN B 132 9.98 -12.49 13.19
N VAL B 133 9.44 -13.33 14.05
CA VAL B 133 8.01 -13.34 14.28
C VAL B 133 7.74 -13.14 15.75
N TYR B 134 7.23 -11.96 16.10
CA TYR B 134 6.81 -11.63 17.46
C TYR B 134 5.31 -11.39 17.50
N THR B 135 4.67 -11.85 18.56
CA THR B 135 3.23 -11.64 18.72
C THR B 135 3.05 -10.70 19.90
N LEU B 136 2.21 -9.67 19.71
CA LEU B 136 2.01 -8.67 20.75
C LEU B 136 0.62 -8.84 21.35
N PRO B 137 0.49 -8.84 22.67
CA PRO B 137 -0.83 -8.92 23.28
C PRO B 137 -1.57 -7.60 23.13
N PRO B 138 -2.85 -7.56 23.48
CA PRO B 138 -3.59 -6.30 23.38
C PRO B 138 -3.11 -5.30 24.40
N SER B 139 -3.36 -4.02 24.09
CA SER B 139 -3.06 -2.94 25.01
C SER B 139 -4.08 -2.95 26.16
N ARG B 140 -3.60 -2.55 27.36
CA ARG B 140 -4.48 -2.50 28.52
C ARG B 140 -5.66 -1.56 28.26
N ASP B 141 -5.39 -0.43 27.59
CA ASP B 141 -6.45 0.47 27.16
C ASP B 141 -7.55 -0.30 26.45
N GLU B 142 -7.16 -1.15 25.51
CA GLU B 142 -8.10 -1.79 24.61
C GLU B 142 -8.99 -2.82 25.31
N LEU B 143 -8.79 -3.12 26.60
CA LEU B 143 -9.57 -4.20 27.20
C LEU B 143 -10.94 -3.74 27.71
N THR B 144 -11.16 -2.42 27.80
CA THR B 144 -12.47 -1.84 28.02
C THR B 144 -13.33 -1.80 26.76
N LYS B 145 -13.07 -2.68 25.81
CA LYS B 145 -13.92 -2.80 24.62
C LYS B 145 -14.45 -4.24 24.55
N ASN B 146 -15.43 -4.44 23.67
CA ASN B 146 -15.96 -5.78 23.50
C ASN B 146 -15.08 -6.62 22.58
N GLN B 147 -14.44 -5.99 21.60
CA GLN B 147 -13.54 -6.64 20.69
C GLN B 147 -12.11 -6.27 21.04
N VAL B 148 -11.15 -7.06 20.57
CA VAL B 148 -9.77 -6.90 21.00
C VAL B 148 -8.84 -7.31 19.86
N SER B 149 -7.72 -6.58 19.72
CA SER B 149 -6.76 -6.77 18.64
C SER B 149 -5.56 -7.59 19.10
N LEU B 150 -5.42 -8.80 18.57
CA LEU B 150 -4.13 -9.49 18.64
C LEU B 150 -3.27 -9.07 17.46
N THR B 151 -1.99 -8.82 17.73
CA THR B 151 -1.06 -8.31 16.75
C THR B 151 0.06 -9.32 16.54
N CYS B 152 0.58 -9.34 15.31
CA CYS B 152 1.71 -10.20 14.97
C CYS B 152 2.66 -9.39 14.11
N LEU B 153 3.84 -9.13 14.62
CA LEU B 153 4.87 -8.46 13.87
C LEU B 153 5.78 -9.49 13.23
N VAL B 154 5.95 -9.37 11.92
CA VAL B 154 6.84 -10.21 11.13
C VAL B 154 7.84 -9.27 10.50
N LYS B 155 9.12 -9.45 10.82
CA LYS B 155 10.11 -8.45 10.44
C LYS B 155 11.46 -9.06 10.06
N GLY B 156 12.13 -8.39 9.13
CA GLY B 156 13.47 -8.77 8.77
C GLY B 156 13.57 -9.66 7.58
N PHE B 157 12.53 -9.77 6.77
CA PHE B 157 12.48 -10.78 5.73
C PHE B 157 12.75 -10.16 4.37
N TYR B 158 13.23 -11.03 3.45
CA TYR B 158 13.54 -10.71 2.06
C TYR B 158 13.58 -12.04 1.31
N PRO B 159 13.02 -12.13 0.10
CA PRO B 159 12.34 -11.10 -0.67
C PRO B 159 10.99 -10.84 -0.01
N SER B 160 10.14 -9.93 -0.49
CA SER B 160 8.93 -9.63 0.27
C SER B 160 7.74 -10.55 -0.03
N ASP B 161 7.93 -11.71 -0.67
CA ASP B 161 6.84 -12.66 -0.87
C ASP B 161 6.65 -13.50 0.38
N ILE B 162 5.51 -13.30 1.03
CA ILE B 162 5.27 -13.87 2.34
C ILE B 162 3.78 -14.11 2.47
N ALA B 163 3.41 -15.02 3.35
CA ALA B 163 2.01 -15.29 3.64
C ALA B 163 1.84 -15.36 5.14
N VAL B 164 0.75 -14.81 5.66
CA VAL B 164 0.49 -14.78 7.10
C VAL B 164 -0.95 -15.18 7.39
N GLU B 165 -1.16 -16.08 8.35
CA GLU B 165 -2.49 -16.57 8.65
C GLU B 165 -2.64 -16.81 10.14
N TRP B 166 -3.88 -16.69 10.62
CA TRP B 166 -4.19 -16.91 12.02
C TRP B 166 -5.03 -18.16 12.20
N GLU B 167 -4.88 -18.80 13.35
CA GLU B 167 -5.67 -19.98 13.62
C GLU B 167 -5.72 -20.19 15.11
N SER B 168 -6.78 -20.89 15.55
CA SER B 168 -6.95 -21.34 16.93
C SER B 168 -7.53 -22.77 16.94
N ASN B 169 -7.07 -23.57 17.90
CA ASN B 169 -7.42 -25.01 18.03
C ASN B 169 -7.51 -25.69 16.67
N GLY B 170 -6.46 -25.50 15.89
CA GLY B 170 -6.31 -26.13 14.59
C GLY B 170 -7.10 -25.45 13.50
N GLN B 171 -8.27 -24.89 13.85
CA GLN B 171 -9.18 -24.28 12.88
C GLN B 171 -8.75 -22.84 12.58
N PRO B 172 -8.93 -22.42 11.32
CA PRO B 172 -8.56 -21.05 10.92
C PRO B 172 -9.37 -19.96 11.61
N GLU B 173 -8.91 -18.71 11.42
CA GLU B 173 -9.60 -17.50 11.86
C GLU B 173 -10.12 -16.72 10.67
N ASN B 174 -11.25 -16.05 10.88
CA ASN B 174 -11.85 -15.20 9.84
C ASN B 174 -11.24 -13.80 9.90
N ASN B 175 -11.37 -13.14 11.05
CA ASN B 175 -11.32 -11.68 11.17
C ASN B 175 -9.90 -11.19 11.44
N TYR B 176 -9.05 -11.33 10.42
CA TYR B 176 -7.70 -10.78 10.44
C TYR B 176 -7.42 -10.12 9.11
N LYS B 177 -6.63 -9.08 9.19
CA LYS B 177 -6.23 -8.27 8.05
C LYS B 177 -4.75 -8.07 8.19
N THR B 178 -4.04 -8.06 7.07
CA THR B 178 -2.59 -7.96 7.07
C THR B 178 -2.15 -6.74 6.27
N THR B 179 -1.21 -5.99 6.81
CA THR B 179 -0.69 -4.86 6.04
C THR B 179 0.25 -5.38 4.94
N PRO B 180 0.32 -4.70 3.80
CA PRO B 180 1.32 -5.07 2.77
C PRO B 180 2.73 -4.94 3.33
N PRO B 181 3.76 -5.42 2.63
CA PRO B 181 5.10 -5.41 3.26
C PRO B 181 5.84 -4.09 3.07
N VAL B 182 6.44 -3.57 4.14
CA VAL B 182 7.12 -2.27 4.15
C VAL B 182 8.65 -2.43 4.13
N LEU B 183 9.32 -1.58 3.34
CA LEU B 183 10.78 -1.54 3.25
C LEU B 183 11.41 -0.82 4.44
N ASP B 184 12.30 -1.51 5.17
CA ASP B 184 13.20 -0.90 6.14
C ASP B 184 14.43 -0.34 5.45
N SER B 185 15.17 0.49 6.18
CA SER B 185 16.36 1.15 5.61
C SER B 185 17.40 0.14 5.13
N ASP B 186 17.49 -1.03 5.79
CA ASP B 186 18.52 -2.04 5.50
C ASP B 186 18.19 -3.01 4.36
N GLY B 187 17.06 -2.86 3.68
CA GLY B 187 16.74 -3.72 2.56
C GLY B 187 15.76 -4.84 2.86
N SER B 188 15.47 -5.11 4.13
CA SER B 188 14.49 -6.11 4.50
C SER B 188 13.09 -5.50 4.60
N PHE B 189 12.07 -6.37 4.72
CA PHE B 189 10.70 -5.91 4.85
C PHE B 189 10.13 -6.28 6.21
N PHE B 190 9.02 -5.63 6.56
CA PHE B 190 8.24 -6.01 7.73
C PHE B 190 6.75 -5.81 7.42
N LEU B 191 5.90 -6.48 8.22
CA LEU B 191 4.48 -6.24 8.16
C LEU B 191 3.90 -6.61 9.51
N TYR B 192 2.65 -6.21 9.69
CA TYR B 192 1.86 -6.60 10.84
C TYR B 192 0.60 -7.33 10.37
N SER B 193 0.22 -8.36 11.12
CA SER B 193 -1.10 -8.91 10.96
C SER B 193 -1.88 -8.59 12.23
N SER B 194 -3.19 -8.41 12.08
CA SER B 194 -4.06 -8.00 13.16
C SER B 194 -5.27 -8.94 13.16
N LEU B 195 -5.44 -9.67 14.25
CA LEU B 195 -6.60 -10.53 14.45
C LEU B 195 -7.52 -9.89 15.48
N TYR B 196 -8.81 -9.80 15.14
CA TYR B 196 -9.81 -9.14 15.96
C TYR B 196 -10.70 -10.21 16.55
N VAL B 197 -10.63 -10.39 17.87
CA VAL B 197 -11.38 -11.42 18.56
C VAL B 197 -12.16 -10.76 19.68
N ASP B 198 -13.23 -11.45 20.08
CA ASP B 198 -14.03 -11.02 21.22
C ASP B 198 -13.27 -11.16 22.52
N LYS B 199 -13.29 -10.09 23.33
CA LYS B 199 -12.54 -10.05 24.57
C LYS B 199 -12.85 -11.27 25.44
N SER B 200 -14.05 -11.86 25.30
CA SER B 200 -14.39 -13.07 26.06
C SER B 200 -13.43 -14.22 25.74
N ARG B 201 -13.22 -14.50 24.44
CA ARG B 201 -12.31 -15.58 24.01
C ARG B 201 -10.87 -15.35 24.46
N TRP B 202 -10.44 -14.07 24.56
CA TRP B 202 -9.09 -13.78 25.01
C TRP B 202 -8.90 -14.14 26.48
N GLN B 203 -9.99 -14.14 27.25
CA GLN B 203 -9.91 -14.35 28.68
C GLN B 203 -10.12 -15.81 29.08
N GLN B 204 -11.07 -16.49 28.42
CA GLN B 204 -11.22 -17.92 28.60
C GLN B 204 -9.88 -18.65 28.45
N GLY B 205 -8.85 -17.98 27.92
CA GLY B 205 -7.52 -18.53 27.83
C GLY B 205 -7.15 -19.20 26.53
N ASN B 206 -8.03 -19.17 25.52
CA ASN B 206 -7.71 -19.66 24.18
C ASN B 206 -6.30 -19.31 23.73
N VAL B 207 -5.72 -20.18 22.89
CA VAL B 207 -4.39 -19.99 22.34
C VAL B 207 -4.56 -19.67 20.85
N PHE B 208 -4.11 -18.48 20.45
CA PHE B 208 -4.20 -18.03 19.07
C PHE B 208 -2.82 -18.14 18.44
N SER B 209 -2.75 -18.53 17.17
CA SER B 209 -1.47 -18.71 16.49
C SER B 209 -1.36 -17.91 15.22
N CYS B 210 -0.23 -17.21 15.07
CA CYS B 210 0.16 -16.57 13.83
C CYS B 210 1.04 -17.56 13.04
N SER B 211 0.68 -17.87 11.80
CA SER B 211 1.47 -18.77 10.96
C SER B 211 2.06 -17.99 9.79
N VAL B 212 3.40 -17.98 9.68
CA VAL B 212 4.11 -17.32 8.59
C VAL B 212 4.69 -18.37 7.64
N MET B 213 4.49 -18.17 6.33
CA MET B 213 5.06 -19.00 5.28
C MET B 213 5.96 -18.14 4.40
N HIS B 214 7.25 -18.44 4.41
CA HIS B 214 8.24 -17.66 3.68
C HIS B 214 9.39 -18.59 3.33
N GLU B 215 10.02 -18.35 2.17
CA GLU B 215 11.04 -19.27 1.66
C GLU B 215 12.35 -19.25 2.43
N ALA B 216 12.54 -18.38 3.40
CA ALA B 216 13.77 -18.44 4.17
C ALA B 216 13.59 -19.18 5.48
N LEU B 217 12.40 -19.68 5.76
CA LEU B 217 12.10 -20.40 7.00
C LEU B 217 12.36 -21.90 6.82
N HIS B 218 12.74 -22.56 7.90
CA HIS B 218 12.87 -24.01 7.80
C HIS B 218 11.50 -24.63 7.53
N ASN B 219 11.41 -25.42 6.48
CA ASN B 219 10.14 -26.00 6.05
C ASN B 219 9.16 -24.96 5.57
N HIS B 220 9.67 -23.78 5.21
CA HIS B 220 8.89 -22.69 4.61
C HIS B 220 7.77 -22.19 5.53
N TYR B 221 7.89 -22.41 6.83
CA TYR B 221 6.73 -22.25 7.69
C TYR B 221 7.21 -22.12 9.12
N THR B 222 6.67 -21.14 9.83
CA THR B 222 6.89 -20.96 11.25
C THR B 222 5.54 -20.56 11.83
N GLN B 223 5.45 -20.55 13.15
CA GLN B 223 4.17 -20.40 13.82
C GLN B 223 4.43 -19.94 15.24
N LYS B 224 3.82 -18.84 15.65
CA LYS B 224 3.99 -18.32 17.00
C LYS B 224 2.64 -18.26 17.69
N SER B 225 2.64 -18.50 19.00
CA SER B 225 1.40 -18.62 19.73
C SER B 225 1.29 -17.55 20.79
N LEU B 226 0.05 -17.37 21.28
CA LEU B 226 -0.32 -16.23 22.08
C LEU B 226 -1.56 -16.58 22.88
N SER B 227 -1.57 -16.21 24.16
CA SER B 227 -2.71 -16.43 25.05
C SER B 227 -2.59 -15.45 26.22
N LEU B 228 -3.61 -15.43 27.08
CA LEU B 228 -3.63 -14.51 28.22
C LEU B 228 -2.37 -14.64 29.07
C1 NAG C . 8.89 13.19 -19.71
C2 NAG C . 7.86 12.08 -19.59
C3 NAG C . 6.77 12.48 -18.61
C4 NAG C . 7.38 12.84 -17.27
C5 NAG C . 8.40 13.95 -17.47
C6 NAG C . 9.09 14.41 -16.21
C7 NAG C . 7.35 10.53 -21.41
C8 NAG C . 8.02 9.48 -20.56
N2 NAG C . 7.31 11.76 -20.89
O3 NAG C . 5.78 11.46 -18.54
O4 NAG C . 6.37 13.24 -16.34
O5 NAG C . 9.42 13.53 -18.39
O6 NAG C . 10.12 13.50 -15.81
O7 NAG C . 6.85 10.28 -22.50
C1 NAG C . 5.87 12.11 -15.60
C2 NAG C . 5.50 12.57 -14.19
C3 NAG C . 4.87 11.43 -13.38
C4 NAG C . 3.79 10.69 -14.17
C5 NAG C . 4.30 10.32 -15.56
C6 NAG C . 3.26 9.66 -16.45
C7 NAG C . 6.95 14.35 -13.27
C8 NAG C . 8.24 14.64 -12.55
N2 NAG C . 6.69 13.06 -13.51
O3 NAG C . 4.35 11.97 -12.18
O4 NAG C . 3.43 9.48 -13.51
O5 NAG C . 4.72 11.52 -16.23
O6 NAG C . 3.55 9.86 -17.83
O7 NAG C . 6.17 15.25 -13.62
C1 BMA C . 2.39 9.62 -12.51
C2 BMA C . 1.59 8.32 -12.50
C3 BMA C . 0.58 8.34 -11.35
C4 BMA C . 1.20 8.77 -10.02
C5 BMA C . 1.97 10.07 -10.16
C6 BMA C . 2.72 10.43 -8.89
O2 BMA C . 2.46 7.19 -12.30
O3 BMA C . 0.00 7.08 -11.17
O4 BMA C . 0.20 8.90 -9.01
O5 BMA C . 2.93 9.91 -11.21
O6 BMA C . 3.58 11.51 -9.17
C1 MAN C . -1.41 7.15 -11.38
C2 MAN C . -1.98 5.87 -10.76
C3 MAN C . -1.46 4.69 -11.59
C4 MAN C . -1.98 4.85 -13.02
C5 MAN C . -1.39 6.14 -13.63
C6 MAN C . -1.90 6.45 -15.01
O2 MAN C . -3.36 5.86 -10.96
O3 MAN C . -1.79 3.40 -11.05
O4 MAN C . -1.60 3.75 -13.82
O5 MAN C . -1.73 7.29 -12.77
O6 MAN C . -1.09 7.47 -15.58
C1 NAG C . -4.03 6.57 -9.92
C2 NAG C . -5.28 7.33 -10.47
C3 NAG C . -6.20 7.78 -9.34
C4 NAG C . -6.45 6.68 -8.33
C5 NAG C . -5.11 6.15 -7.84
C6 NAG C . -5.23 5.02 -6.83
C7 NAG C . -4.87 8.54 -12.60
C8 NAG C . -4.42 9.84 -13.19
N2 NAG C . -4.86 8.48 -11.25
O3 NAG C . -7.43 8.21 -9.91
O4 NAG C . -7.19 7.20 -7.23
O5 NAG C . -4.42 5.62 -8.96
O6 NAG C . -3.98 4.70 -6.25
O7 NAG C . -5.21 7.58 -13.29
C1 MAN C . 4.15 11.97 -7.92
C2 MAN C . 4.62 13.41 -8.15
C3 MAN C . 5.76 13.37 -9.19
C4 MAN C . 6.93 12.56 -8.65
C5 MAN C . 6.41 11.09 -8.40
C6 MAN C . 7.42 10.09 -7.83
O2 MAN C . 5.14 14.00 -6.92
O3 MAN C . 6.22 14.64 -9.64
O4 MAN C . 8.04 12.62 -9.58
O5 MAN C . 5.24 11.14 -7.49
O6 MAN C . 6.77 8.81 -7.82
C1 NAG C . 4.11 14.80 -6.26
C2 NAG C . 4.45 14.98 -4.78
C3 NAG C . 3.35 15.78 -4.09
C4 NAG C . 3.15 17.11 -4.81
C5 NAG C . 2.89 16.91 -6.29
C6 NAG C . 2.83 18.22 -7.08
C7 NAG C . 5.89 13.20 -3.89
C8 NAG C . 5.94 11.85 -3.21
N2 NAG C . 4.67 13.70 -4.12
O3 NAG C . 3.70 16.02 -2.74
O4 NAG C . 2.06 17.80 -4.20
O5 NAG C . 3.93 16.11 -6.89
O6 NAG C . 4.10 18.66 -7.54
O7 NAG C . 6.91 13.79 -4.23
C1 FUC C . 11.38 14.17 -15.58
C2 FUC C . 12.08 13.34 -14.56
C3 FUC C . 11.99 11.88 -15.09
C4 FUC C . 12.85 11.81 -16.37
C5 FUC C . 12.34 12.89 -17.39
C6 FUC C . 13.21 13.09 -18.64
O2 FUC C . 11.57 13.54 -13.23
O3 FUC C . 12.41 10.88 -14.16
O4 FUC C . 14.22 12.10 -16.07
O5 FUC C . 12.15 14.22 -16.75
C1 NAG D . -11.91 0.78 -18.73
C2 NAG D . -10.91 1.60 -17.90
C3 NAG D . -9.55 0.96 -17.98
C4 NAG D . -9.61 -0.43 -17.34
C5 NAG D . -10.73 -1.30 -17.94
C6 NAG D . -11.12 -2.46 -17.04
C7 NAG D . -10.69 4.04 -17.41
C8 NAG D . -10.61 3.67 -15.96
N2 NAG D . -10.85 3.02 -18.29
O3 NAG D . -8.57 1.78 -17.35
O4 NAG D . -8.35 -1.09 -17.47
O5 NAG D . -11.97 -0.59 -18.20
O6 NAG D . -11.00 -2.17 -15.65
O7 NAG D . -10.63 5.20 -17.79
C1 NAG D . -7.47 -0.90 -16.30
C2 NAG D . -6.66 -2.19 -16.10
C3 NAG D . -5.62 -2.05 -14.98
C4 NAG D . -4.82 -0.74 -15.08
C5 NAG D . -5.75 0.45 -15.29
C6 NAG D . -5.03 1.76 -15.53
C7 NAG D . -8.34 -3.43 -14.77
C8 NAG D . -9.16 -4.69 -14.69
N2 NAG D . -7.54 -3.33 -15.84
O3 NAG D . -4.77 -3.19 -15.06
O4 NAG D . -4.08 -0.53 -13.88
O5 NAG D . -6.59 0.22 -16.43
O6 NAG D . -3.74 1.81 -14.94
O7 NAG D . -8.39 -2.56 -13.90
C1 BMA D . -2.97 -1.44 -13.71
C2 BMA D . -1.71 -0.64 -13.34
C3 BMA D . -0.53 -1.59 -13.28
C4 BMA D . -0.80 -2.80 -12.36
C5 BMA D . -2.19 -3.44 -12.59
C6 BMA D . -2.54 -4.32 -11.44
O2 BMA D . -1.84 0.00 -12.02
O3 BMA D . 0.55 -0.87 -12.76
O4 BMA D . 0.19 -3.80 -12.53
O5 BMA D . -3.22 -2.43 -12.70
O6 BMA D . -3.76 -4.95 -11.71
C1 MAN D . 1.68 -0.72 -13.63
C2 MAN D . 2.71 -0.10 -12.70
C3 MAN D . 2.18 1.28 -12.26
C4 MAN D . 1.96 2.18 -13.48
C5 MAN D . 0.99 1.50 -14.50
C6 MAN D . 0.87 2.22 -15.85
O2 MAN D . 3.93 0.13 -13.38
O3 MAN D . 3.03 1.92 -11.31
O4 MAN D . 1.41 3.43 -13.03
O5 MAN D . 1.45 0.10 -14.76
O6 MAN D . -0.43 2.00 -16.44
C1 NAG D . 4.96 -0.65 -12.77
C2 NAG D . 6.22 -0.54 -13.68
C3 NAG D . 7.48 -1.11 -12.98
C4 NAG D . 7.60 -0.69 -11.52
C5 NAG D . 6.29 -0.96 -10.81
C6 NAG D . 6.28 -0.57 -9.33
C7 NAG D . 5.17 -0.87 -15.91
C8 NAG D . 5.07 -1.79 -17.08
N2 NAG D . 5.98 -1.27 -14.92
O3 NAG D . 8.63 -0.70 -13.71
O4 NAG D . 8.66 -1.41 -10.88
O5 NAG D . 5.27 -0.19 -11.45
O6 NAG D . 7.17 0.48 -9.01
O7 NAG D . 4.55 0.20 -15.87
C1 MAN D . -4.11 -5.78 -10.60
C2 MAN D . -4.95 -6.94 -11.16
C3 MAN D . -6.30 -6.39 -11.69
C4 MAN D . -6.98 -5.30 -10.73
C5 MAN D . -5.99 -4.33 -10.03
C6 MAN D . -6.59 -3.70 -8.79
O2 MAN D . -5.27 -7.98 -10.18
O3 MAN D . -7.23 -7.46 -11.99
O4 MAN D . -7.92 -4.50 -11.46
O5 MAN D . -4.80 -5.04 -9.60
O6 MAN D . -7.00 -4.78 -7.92
C1 NAG D . -4.27 -9.04 -10.08
C2 NAG D . -4.22 -9.55 -8.61
C3 NAG D . -3.33 -10.79 -8.47
C4 NAG D . -3.61 -11.83 -9.54
C5 NAG D . -3.54 -11.17 -10.91
C6 NAG D . -3.82 -12.13 -12.04
C7 NAG D . -4.54 -7.55 -7.20
C8 NAG D . -3.86 -6.54 -6.32
N2 NAG D . -3.75 -8.49 -7.74
O3 NAG D . -3.58 -11.37 -7.19
O4 NAG D . -2.62 -12.85 -9.51
O5 NAG D . -4.54 -10.14 -10.97
O6 NAG D . -3.85 -11.44 -13.27
O7 NAG D . -5.76 -7.53 -7.40
C1 FUC D . -12.11 -1.39 -15.10
C2 FUC D . -12.81 -2.17 -13.90
C3 FUC D . -12.11 -1.98 -12.52
C4 FUC D . -11.75 -0.49 -12.26
C5 FUC D . -10.95 0.08 -13.45
C6 FUC D . -10.59 1.55 -13.27
O2 FUC D . -12.94 -3.57 -14.18
O3 FUC D . -12.98 -2.42 -11.48
O4 FUC D . -12.94 0.31 -12.01
O5 FUC D . -11.69 -0.05 -14.71
#